data_5XOZ
#
_entry.id   5XOZ
#
_cell.length_a   38.730
_cell.length_b   88.220
_cell.length_c   59.340
_cell.angle_alpha   90.00
_cell.angle_beta   108.32
_cell.angle_gamma   90.00
#
_symmetry.space_group_name_H-M   'P 1 21 1'
#
_entity_poly.entity_id   1
_entity_poly.type   'polypeptide(L)'
_entity_poly.pdbx_seq_one_letter_code
;EAEAEFFSNEDVEQVLDINGNPIFPGGKYYILPAIRGPPGGGVRLDKTGDSECPVTVLQDYKEVINGLPVKFVIPGISPG
IIFTGTPIEIEFTKKPNCAESSKWLIFVDDTIDKACIGIGGPENYSGKQTLSGTFNIQKYGSGFGYKLGFCVKGSPICLD
IGRYDNDEGGRRLNLTEHEAFRVVFVDASSYEDGIVKSVVSLEQKLISEEDLNSAVDHHHHHH
;
_entity_poly.pdbx_strand_id   A,B
#
# COMPACT_ATOMS: atom_id res chain seq x y z
N VAL A 12 -1.50 -19.71 12.15
CA VAL A 12 -1.35 -18.80 10.94
C VAL A 12 -2.70 -18.53 10.33
N GLU A 13 -3.29 -17.41 10.75
CA GLU A 13 -4.60 -16.94 10.23
C GLU A 13 -4.47 -15.52 9.79
N GLN A 14 -5.50 -15.02 9.13
CA GLN A 14 -5.57 -13.60 8.80
C GLN A 14 -5.78 -12.80 10.07
N VAL A 15 -5.07 -11.69 10.22
CA VAL A 15 -5.33 -10.77 11.35
C VAL A 15 -6.57 -9.94 10.99
N LEU A 16 -7.44 -9.74 11.96
CA LEU A 16 -8.69 -9.05 11.76
C LEU A 16 -8.85 -7.80 12.64
N ASP A 17 -9.65 -6.87 12.13
CA ASP A 17 -10.00 -5.68 12.89
C ASP A 17 -11.18 -5.99 13.80
N ILE A 18 -11.57 -5.01 14.61
CA ILE A 18 -12.73 -5.13 15.49
C ILE A 18 -14.09 -5.42 14.77
N ASN A 19 -14.21 -5.03 13.51
CA ASN A 19 -15.43 -5.27 12.71
C ASN A 19 -15.43 -6.66 12.07
N GLY A 20 -14.30 -7.37 12.18
CA GLY A 20 -14.17 -8.70 11.66
C GLY A 20 -13.55 -8.78 10.28
N ASN A 21 -13.18 -7.65 9.70
CA ASN A 21 -12.56 -7.62 8.37
C ASN A 21 -11.04 -7.86 8.43
N PRO A 22 -10.44 -8.33 7.32
CA PRO A 22 -9.00 -8.47 7.34
C PRO A 22 -8.26 -7.15 7.46
N ILE A 23 -7.12 -7.17 8.13
CA ILE A 23 -6.16 -6.06 8.12
C ILE A 23 -5.48 -6.13 6.76
N PHE A 24 -5.61 -5.02 6.04
CA PHE A 24 -4.96 -4.82 4.75
C PHE A 24 -3.64 -4.09 4.96
N PRO A 25 -2.55 -4.59 4.36
CA PRO A 25 -1.30 -3.81 4.31
C PRO A 25 -1.49 -2.46 3.66
N GLY A 26 -0.94 -1.41 4.25
CA GLY A 26 -1.21 -0.05 3.81
C GLY A 26 -2.45 0.64 4.36
N GLY A 27 -3.39 -0.13 4.88
CA GLY A 27 -4.60 0.37 5.46
C GLY A 27 -4.30 1.05 6.78
N LYS A 28 -5.12 2.04 7.13
CA LYS A 28 -4.95 2.84 8.29
C LYS A 28 -5.75 2.27 9.45
N TYR A 29 -5.09 2.02 10.59
CA TYR A 29 -5.73 1.47 11.78
C TYR A 29 -5.27 2.16 13.04
N TYR A 30 -6.19 2.39 13.96
CA TYR A 30 -5.84 2.66 15.34
C TYR A 30 -5.49 1.33 16.01
N ILE A 31 -4.57 1.38 16.96
CA ILE A 31 -4.26 0.27 17.88
C ILE A 31 -4.76 0.64 19.28
N LEU A 32 -5.79 -0.07 19.76
CA LEU A 32 -6.45 0.25 21.03
C LEU A 32 -6.39 -0.95 21.93
N PRO A 33 -6.54 -0.77 23.26
CA PRO A 33 -6.73 -1.92 24.18
C PRO A 33 -7.95 -2.73 23.87
N ALA A 34 -7.83 -4.05 23.94
CA ALA A 34 -8.96 -4.93 23.71
C ALA A 34 -9.99 -4.66 24.79
N ILE A 35 -9.53 -4.60 26.03
CA ILE A 35 -10.36 -4.27 27.18
C ILE A 35 -10.56 -2.77 27.34
N ARG A 36 -11.81 -2.31 27.19
CA ARG A 36 -12.18 -0.90 27.36
C ARG A 36 -12.12 -0.47 28.83
N GLY A 37 -12.04 0.85 29.07
CA GLY A 37 -11.98 1.45 30.40
C GLY A 37 -10.58 1.73 30.90
N PRO A 38 -10.23 1.26 32.10
CA PRO A 38 -8.93 1.58 32.72
C PRO A 38 -7.67 1.41 31.90
N PRO A 39 -7.59 0.46 30.94
CA PRO A 39 -6.34 0.34 30.14
C PRO A 39 -5.90 1.58 29.32
N GLY A 40 -6.82 2.48 29.01
CA GLY A 40 -6.46 3.77 28.44
C GLY A 40 -6.93 3.86 27.03
N GLY A 41 -6.12 4.50 26.18
CA GLY A 41 -6.47 4.73 24.77
C GLY A 41 -5.41 4.25 23.79
N GLY A 42 -5.36 4.91 22.63
CA GLY A 42 -4.53 4.52 21.49
C GLY A 42 -3.09 4.95 21.59
N VAL A 43 -2.35 4.72 20.52
CA VAL A 43 -0.91 5.00 20.48
C VAL A 43 -0.67 6.26 19.68
N ARG A 44 0.24 7.08 20.20
CA ARG A 44 0.54 8.36 19.58
C ARG A 44 2.02 8.64 19.84
N LEU A 45 2.46 9.83 19.40
CA LEU A 45 3.87 10.23 19.54
C LEU A 45 4.01 11.23 20.65
N ASP A 46 5.19 11.26 21.26
CA ASP A 46 5.55 12.36 22.16
C ASP A 46 7.05 12.42 22.41
N LYS A 47 7.48 13.52 23.00
CA LYS A 47 8.85 13.70 23.43
C LYS A 47 9.09 13.08 24.79
N THR A 48 10.25 12.50 24.98
CA THR A 48 10.61 11.89 26.26
C THR A 48 12.08 12.11 26.46
N GLY A 49 12.51 12.13 27.70
CA GLY A 49 13.93 12.19 27.99
C GLY A 49 14.77 13.28 27.34
N ASP A 50 14.28 14.51 27.36
CA ASP A 50 15.05 15.68 26.88
C ASP A 50 15.25 15.75 25.35
N SER A 51 14.54 14.91 24.61
CA SER A 51 14.50 14.98 23.15
C SER A 51 13.71 16.22 22.74
N GLU A 52 14.15 16.83 21.66
CA GLU A 52 13.44 17.97 21.09
C GLU A 52 12.44 17.58 20.01
N CYS A 53 12.36 16.28 19.69
CA CYS A 53 11.49 15.73 18.64
C CYS A 53 10.58 14.62 19.21
N PRO A 54 9.25 14.69 18.92
CA PRO A 54 8.31 13.66 19.39
C PRO A 54 8.42 12.35 18.61
N VAL A 55 9.38 11.55 19.04
CA VAL A 55 9.67 10.27 18.41
C VAL A 55 9.46 9.09 19.31
N THR A 56 8.83 9.25 20.45
CA THR A 56 8.60 8.11 21.33
C THR A 56 7.19 7.66 21.18
N VAL A 57 6.97 6.36 21.04
CA VAL A 57 5.59 5.85 21.01
C VAL A 57 5.08 5.79 22.43
N LEU A 58 3.98 6.52 22.64
CA LEU A 58 3.22 6.50 23.88
C LEU A 58 1.78 6.00 23.71
N GLN A 59 1.36 5.14 24.63
CA GLN A 59 -0.04 4.74 24.73
C GLN A 59 -0.78 5.66 25.72
N ASP A 60 -1.85 6.29 25.25
CA ASP A 60 -2.56 7.31 26.04
C ASP A 60 -3.26 6.77 27.29
N TYR A 61 -3.28 7.61 28.34
CA TYR A 61 -3.95 7.26 29.59
C TYR A 61 -5.47 7.16 29.50
N LYS A 62 -6.08 7.82 28.50
CA LYS A 62 -7.52 7.95 28.38
C LYS A 62 -8.12 7.31 27.14
N GLU A 63 -9.04 6.37 27.34
CA GLU A 63 -9.90 5.74 26.29
C GLU A 63 -10.43 6.67 25.20
N VAL A 64 -10.85 7.86 25.57
CA VAL A 64 -11.37 8.81 24.56
C VAL A 64 -10.36 9.14 23.44
N ILE A 65 -9.06 9.10 23.75
CA ILE A 65 -7.99 9.37 22.76
C ILE A 65 -7.71 8.08 21.97
N ASN A 66 -8.15 8.02 20.73
CA ASN A 66 -7.79 6.93 19.83
C ASN A 66 -6.35 7.00 19.26
N GLY A 67 -5.76 8.20 19.28
CA GLY A 67 -4.37 8.38 18.88
C GLY A 67 -4.13 8.50 17.38
N LEU A 68 -2.91 8.16 16.99
CA LEU A 68 -2.46 8.31 15.63
C LEU A 68 -2.56 7.01 14.87
N PRO A 69 -3.17 6.99 13.67
CA PRO A 69 -3.28 5.72 12.97
C PRO A 69 -1.95 5.19 12.49
N VAL A 70 -1.83 3.87 12.44
CA VAL A 70 -0.67 3.21 11.82
C VAL A 70 -1.07 2.58 10.49
N LYS A 71 -0.08 2.13 9.73
CA LYS A 71 -0.27 1.15 8.68
C LYS A 71 0.78 0.08 8.78
N PHE A 72 0.39 -1.13 8.43
CA PHE A 72 1.23 -2.30 8.50
C PHE A 72 1.74 -2.63 7.11
N VAL A 73 3.06 -2.69 6.94
CA VAL A 73 3.72 -2.94 5.67
C VAL A 73 4.40 -4.29 5.76
N ILE A 74 4.48 -5.04 4.67
CA ILE A 74 5.12 -6.35 4.71
C ILE A 74 6.42 -6.24 3.93
N PRO A 75 7.57 -6.61 4.53
CA PRO A 75 8.80 -6.69 3.75
C PRO A 75 8.93 -7.93 2.86
N GLY A 76 8.38 -9.09 3.28
CA GLY A 76 8.44 -10.31 2.44
C GLY A 76 7.55 -10.29 1.18
N ILE A 77 7.16 -11.48 0.69
CA ILE A 77 6.15 -11.56 -0.39
C ILE A 77 4.79 -11.40 0.22
N SER A 78 3.94 -10.57 -0.40
CA SER A 78 2.62 -10.25 0.18
C SER A 78 1.52 -11.01 -0.51
N PRO A 79 0.60 -11.61 0.27
CA PRO A 79 -0.62 -12.14 -0.33
C PRO A 79 -1.72 -11.04 -0.44
N GLY A 80 -1.48 -9.85 0.13
CA GLY A 80 -2.49 -8.78 0.19
C GLY A 80 -3.24 -8.67 1.50
N ILE A 81 -2.87 -9.53 2.47
CA ILE A 81 -3.46 -9.55 3.82
C ILE A 81 -2.35 -9.85 4.84
N ILE A 82 -2.48 -9.28 6.04
CA ILE A 82 -1.55 -9.52 7.15
C ILE A 82 -1.95 -10.81 7.86
N PHE A 83 -1.07 -11.80 7.87
CA PHE A 83 -1.25 -12.99 8.70
C PHE A 83 -0.56 -12.88 10.09
N THR A 84 -1.04 -13.67 11.05
CA THR A 84 -0.37 -13.84 12.32
C THR A 84 1.01 -14.39 12.09
N GLY A 85 1.94 -14.06 12.99
CA GLY A 85 3.32 -14.48 12.90
C GLY A 85 4.03 -14.14 11.62
N THR A 86 3.65 -13.06 11.00
CA THR A 86 4.29 -12.62 9.76
C THR A 86 5.12 -11.41 10.09
N PRO A 87 6.42 -11.42 9.66
CA PRO A 87 7.19 -10.21 9.85
C PRO A 87 6.50 -9.03 9.17
N ILE A 88 6.29 -7.98 9.92
CA ILE A 88 5.74 -6.73 9.40
C ILE A 88 6.50 -5.52 9.95
N GLU A 89 6.30 -4.39 9.27
CA GLU A 89 6.74 -3.09 9.73
C GLU A 89 5.55 -2.28 10.08
N ILE A 90 5.60 -1.55 11.18
CA ILE A 90 4.52 -0.70 11.62
C ILE A 90 4.98 0.72 11.41
N GLU A 91 4.11 1.58 10.90
CA GLU A 91 4.46 2.98 10.78
C GLU A 91 3.26 3.89 10.95
N PHE A 92 3.46 4.98 11.71
CA PHE A 92 2.44 5.99 11.81
C PHE A 92 2.19 6.62 10.42
N THR A 93 0.94 7.05 10.20
CA THR A 93 0.55 7.68 8.97
C THR A 93 1.03 9.13 8.87
N LYS A 94 0.79 9.92 9.89
CA LYS A 94 1.37 11.27 9.97
C LYS A 94 2.65 11.08 10.73
N LYS A 95 3.56 12.04 10.61
CA LYS A 95 4.78 12.13 11.45
C LYS A 95 5.33 13.55 11.46
N PRO A 96 6.05 13.94 12.54
CA PRO A 96 6.65 15.28 12.63
C PRO A 96 7.89 15.45 11.72
N ASN A 97 8.14 16.70 11.30
CA ASN A 97 9.24 17.04 10.41
C ASN A 97 10.61 16.61 10.93
N CYS A 98 10.88 16.84 12.21
CA CYS A 98 12.16 16.45 12.80
C CYS A 98 12.44 14.92 12.82
N ALA A 99 11.42 14.10 12.56
CA ALA A 99 11.64 12.66 12.42
C ALA A 99 11.87 12.34 10.94
N GLU A 100 12.96 11.65 10.66
CA GLU A 100 13.30 11.26 9.29
C GLU A 100 12.25 10.29 8.74
N SER A 101 11.83 9.34 9.59
CA SER A 101 10.92 8.27 9.21
C SER A 101 9.80 8.12 10.23
N SER A 102 8.61 7.78 9.78
CA SER A 102 7.53 7.44 10.70
C SER A 102 7.46 5.94 11.09
N LYS A 103 8.50 5.18 10.76
CA LYS A 103 8.52 3.75 10.88
C LYS A 103 8.89 3.41 12.32
N TRP A 104 8.10 2.58 12.96
CA TRP A 104 8.41 2.05 14.30
C TRP A 104 9.71 1.26 14.33
N LEU A 105 10.52 1.56 15.33
CA LEU A 105 11.76 0.89 15.64
C LEU A 105 11.87 0.70 17.14
N ILE A 106 12.88 -0.06 17.56
CA ILE A 106 13.17 -0.31 18.97
C ILE A 106 14.42 0.44 19.34
N PHE A 107 14.34 1.21 20.42
CA PHE A 107 15.51 1.88 21.05
C PHE A 107 15.65 1.51 22.54
N VAL A 108 16.88 1.43 23.02
CA VAL A 108 17.15 1.04 24.40
C VAL A 108 17.26 2.29 25.27
N ASP A 109 16.37 2.40 26.24
CA ASP A 109 16.42 3.45 27.26
C ASP A 109 17.17 2.95 28.49
N ASP A 110 18.39 3.47 28.65
CA ASP A 110 19.23 3.17 29.81
C ASP A 110 18.68 3.63 31.16
N THR A 111 17.88 4.69 31.16
CA THR A 111 17.39 5.30 32.40
C THR A 111 16.40 4.36 33.09
N ILE A 112 15.56 3.72 32.29
CA ILE A 112 14.54 2.76 32.79
C ILE A 112 14.84 1.29 32.43
N ASP A 113 15.90 1.07 31.67
CA ASP A 113 16.38 -0.28 31.35
C ASP A 113 15.33 -1.13 30.57
N LYS A 114 14.77 -0.51 29.52
CA LYS A 114 13.77 -1.11 28.66
C LYS A 114 14.08 -0.80 27.19
N ALA A 115 13.85 -1.80 26.34
CA ALA A 115 13.79 -1.58 24.92
C ALA A 115 12.38 -1.15 24.56
N CYS A 116 12.23 0.10 24.15
CA CYS A 116 10.94 0.76 23.89
C CYS A 116 10.77 1.06 22.40
N ILE A 117 9.53 1.25 21.98
CA ILE A 117 9.21 1.57 20.60
C ILE A 117 9.29 3.10 20.39
N GLY A 118 10.09 3.50 19.40
CA GLY A 118 10.13 4.89 18.90
C GLY A 118 10.11 4.92 17.36
N ILE A 119 10.05 6.13 16.79
CA ILE A 119 10.17 6.33 15.31
C ILE A 119 11.48 7.07 15.01
N GLY A 120 11.65 7.57 13.79
CA GLY A 120 12.79 8.42 13.44
C GLY A 120 13.98 7.60 12.95
N GLY A 121 15.19 8.14 13.15
CA GLY A 121 16.43 7.54 12.69
C GLY A 121 17.58 7.66 13.69
N PRO A 122 18.81 7.27 13.26
CA PRO A 122 19.99 7.33 14.16
C PRO A 122 20.13 8.72 14.80
N GLU A 123 19.94 9.77 14.00
CA GLU A 123 20.04 11.16 14.47
C GLU A 123 19.12 11.51 15.64
N ASN A 124 17.93 10.93 15.68
CA ASN A 124 17.01 11.10 16.83
C ASN A 124 17.47 10.32 18.10
N TYR A 125 18.49 9.48 18.00
CA TYR A 125 18.93 8.65 19.18
C TYR A 125 20.47 8.69 19.34
N SER A 126 20.94 9.83 19.89
CA SER A 126 22.36 10.20 19.89
C SER A 126 23.25 9.11 20.54
N GLY A 127 23.14 8.96 21.87
CA GLY A 127 24.06 8.10 22.64
C GLY A 127 23.50 6.73 22.98
N LYS A 128 22.58 6.22 22.15
CA LYS A 128 21.73 5.05 22.50
C LYS A 128 21.80 3.91 21.46
N GLN A 129 21.60 2.68 21.92
CA GLN A 129 21.41 1.51 21.05
C GLN A 129 19.98 1.46 20.46
N THR A 130 19.90 1.11 19.17
CA THR A 130 18.64 0.73 18.54
C THR A 130 18.78 -0.70 18.03
N LEU A 131 17.68 -1.43 17.97
CA LEU A 131 17.73 -2.84 17.57
C LEU A 131 17.01 -3.08 16.27
N SER A 132 17.73 -3.49 15.24
CA SER A 132 17.10 -3.91 13.99
C SER A 132 16.23 -5.18 14.24
N GLY A 133 15.10 -5.23 13.56
CA GLY A 133 14.27 -6.42 13.51
C GLY A 133 12.90 -6.16 12.93
N THR A 134 11.97 -7.07 13.12
CA THR A 134 10.64 -6.96 12.57
C THR A 134 9.64 -7.11 13.69
N PHE A 135 8.49 -6.47 13.53
CA PHE A 135 7.35 -6.72 14.38
C PHE A 135 6.53 -7.90 13.82
N ASN A 136 5.58 -8.33 14.62
CA ASN A 136 4.60 -9.33 14.22
C ASN A 136 3.34 -9.12 15.04
N ILE A 137 2.27 -9.83 14.68
CA ILE A 137 0.97 -9.81 15.36
C ILE A 137 0.59 -11.26 15.61
N GLN A 138 0.07 -11.53 16.81
CA GLN A 138 -0.33 -12.89 17.23
C GLN A 138 -1.60 -12.85 18.03
N LYS A 139 -2.41 -13.90 17.95
CA LYS A 139 -3.53 -14.06 18.88
C LYS A 139 -3.03 -13.95 20.31
N TYR A 140 -3.81 -13.31 21.19
CA TYR A 140 -3.34 -13.11 22.58
C TYR A 140 -3.17 -14.42 23.37
N GLY A 141 -4.04 -15.40 23.07
CA GLY A 141 -3.96 -16.75 23.63
C GLY A 141 -5.35 -17.14 24.05
N SER A 142 -5.73 -16.58 25.19
CA SER A 142 -7.16 -16.58 25.61
C SER A 142 -7.85 -15.35 25.01
N GLY A 143 -9.17 -15.47 24.83
CA GLY A 143 -10.08 -14.33 24.63
C GLY A 143 -9.83 -13.45 23.42
N PHE A 144 -10.48 -12.27 23.44
CA PHE A 144 -10.54 -11.40 22.28
C PHE A 144 -9.15 -10.80 22.09
N GLY A 145 -8.80 -10.53 20.83
CA GLY A 145 -7.67 -9.64 20.55
C GLY A 145 -6.33 -10.30 20.47
N TYR A 146 -5.29 -9.45 20.43
CA TYR A 146 -3.99 -9.79 19.85
C TYR A 146 -2.89 -9.24 20.71
N LYS A 147 -1.66 -9.60 20.34
CA LYS A 147 -0.49 -8.95 20.88
C LYS A 147 0.51 -8.68 19.79
N LEU A 148 1.22 -7.57 19.95
CA LEU A 148 2.33 -7.23 19.08
C LEU A 148 3.60 -7.91 19.60
N GLY A 149 4.49 -8.20 18.70
CA GLY A 149 5.73 -8.87 19.04
C GLY A 149 6.86 -8.27 18.25
N PHE A 150 8.07 -8.36 18.78
CA PHE A 150 9.26 -7.92 18.06
C PHE A 150 10.30 -9.05 18.00
N CYS A 151 10.76 -9.37 16.80
CA CYS A 151 11.83 -10.34 16.60
C CYS A 151 13.14 -9.64 16.19
N VAL A 152 14.20 -9.91 16.96
CA VAL A 152 15.52 -9.36 16.76
C VAL A 152 16.01 -9.87 15.44
N LYS A 153 16.65 -9.01 14.67
CA LYS A 153 16.91 -9.29 13.24
C LYS A 153 17.38 -10.66 12.88
N GLY A 154 16.61 -11.27 11.99
CA GLY A 154 16.90 -12.59 11.43
C GLY A 154 17.02 -13.72 12.45
N SER A 155 16.30 -13.58 13.58
CA SER A 155 16.49 -14.47 14.71
C SER A 155 15.15 -14.88 15.29
N PRO A 156 15.07 -16.08 15.84
CA PRO A 156 13.92 -16.45 16.65
C PRO A 156 13.85 -15.83 18.05
N ILE A 157 14.79 -14.93 18.41
CA ILE A 157 14.63 -14.15 19.62
C ILE A 157 13.52 -13.14 19.42
N CYS A 158 12.35 -13.48 19.91
CA CYS A 158 11.13 -12.69 19.75
C CYS A 158 10.42 -12.43 21.10
N LEU A 159 10.14 -11.17 21.38
CA LEU A 159 9.49 -10.78 22.62
C LEU A 159 8.15 -10.11 22.37
N ASP A 160 7.18 -10.39 23.24
CA ASP A 160 5.94 -9.67 23.23
C ASP A 160 6.18 -8.19 23.59
N ILE A 161 5.32 -7.32 23.06
CA ILE A 161 5.28 -5.92 23.39
C ILE A 161 4.32 -5.77 24.57
N GLY A 162 4.86 -5.22 25.65
CA GLY A 162 4.03 -4.79 26.79
C GLY A 162 4.13 -3.29 26.98
N ARG A 163 3.70 -2.82 28.13
CA ARG A 163 3.66 -1.40 28.45
C ARG A 163 4.42 -1.02 29.72
N TYR A 164 5.10 0.11 29.72
CA TYR A 164 5.79 0.59 30.92
C TYR A 164 5.49 2.07 31.21
N ASP A 165 4.85 2.33 32.33
CA ASP A 165 4.44 3.67 32.67
C ASP A 165 5.58 4.48 33.29
N ASN A 166 6.23 5.34 32.50
CA ASN A 166 7.28 6.22 33.01
C ASN A 166 6.76 7.62 33.30
N ASP A 167 5.46 7.75 33.50
CA ASP A 167 4.83 9.01 33.88
C ASP A 167 5.11 10.17 32.94
N GLU A 168 4.69 10.01 31.68
CA GLU A 168 4.95 10.96 30.60
C GLU A 168 3.67 11.25 29.82
N GLY A 169 2.54 11.37 30.54
CA GLY A 169 1.21 11.54 29.90
C GLY A 169 0.76 10.34 29.10
N GLY A 170 1.46 9.21 29.30
CA GLY A 170 1.24 7.99 28.55
C GLY A 170 2.26 6.93 28.93
N ARG A 171 1.96 5.70 28.53
CA ARG A 171 2.80 4.52 28.83
C ARG A 171 3.68 4.27 27.61
N ARG A 172 4.88 3.78 27.86
CA ARG A 172 5.76 3.31 26.79
C ARG A 172 5.27 1.95 26.33
N LEU A 173 5.67 1.58 25.12
CA LEU A 173 5.50 0.23 24.63
C LEU A 173 6.90 -0.35 24.61
N ASN A 174 7.07 -1.53 25.20
CA ASN A 174 8.43 -2.12 25.39
C ASN A 174 8.43 -3.62 25.22
N LEU A 175 9.61 -4.13 24.83
CA LEU A 175 9.83 -5.56 24.80
C LEU A 175 9.72 -6.10 26.20
N THR A 176 9.02 -7.23 26.34
CA THR A 176 8.81 -7.84 27.67
C THR A 176 8.90 -9.37 27.64
N GLU A 177 9.27 -9.94 28.77
CA GLU A 177 9.15 -11.38 28.98
C GLU A 177 7.84 -11.70 29.73
N HIS A 178 7.20 -10.67 30.27
CA HIS A 178 6.04 -10.86 31.12
C HIS A 178 4.75 -10.42 30.38
N GLU A 179 3.83 -9.71 31.04
CA GLU A 179 2.49 -9.48 30.50
C GLU A 179 2.51 -8.64 29.22
N ALA A 180 1.88 -9.17 28.19
CA ALA A 180 1.82 -8.49 26.91
C ALA A 180 0.63 -7.56 26.86
N PHE A 181 0.71 -6.53 26.03
CA PHE A 181 -0.37 -5.59 25.88
C PHE A 181 -1.40 -6.19 24.93
N ARG A 182 -2.64 -6.31 25.43
CA ARG A 182 -3.74 -6.93 24.72
C ARG A 182 -4.46 -5.87 23.87
N VAL A 183 -4.31 -5.96 22.55
CA VAL A 183 -4.76 -4.95 21.63
C VAL A 183 -5.77 -5.42 20.62
N VAL A 184 -6.48 -4.46 20.05
CA VAL A 184 -7.30 -4.68 18.85
C VAL A 184 -6.99 -3.56 17.85
N PHE A 185 -7.45 -3.76 16.63
CA PHE A 185 -7.18 -2.91 15.52
C PHE A 185 -8.51 -2.34 14.99
N VAL A 186 -8.56 -1.01 14.81
CA VAL A 186 -9.76 -0.36 14.40
C VAL A 186 -9.49 0.43 13.14
N ASP A 187 -10.26 0.15 12.09
CA ASP A 187 -10.20 0.92 10.83
C ASP A 187 -10.28 2.38 11.19
N ALA A 188 -9.28 3.13 10.77
CA ALA A 188 -9.24 4.54 11.08
C ALA A 188 -9.46 5.36 9.82
N SER A 189 -10.71 5.44 9.36
CA SER A 189 -11.03 6.29 8.16
C SER A 189 -12.51 6.79 8.07
N VAL B 12 -7.80 12.04 -1.42
CA VAL B 12 -6.46 12.12 -1.99
C VAL B 12 -5.42 11.56 -1.03
N GLU B 13 -4.94 10.35 -1.32
CA GLU B 13 -3.97 9.72 -0.51
C GLU B 13 -2.94 9.13 -1.36
N GLN B 14 -1.86 8.66 -0.75
CA GLN B 14 -0.79 8.01 -1.48
C GLN B 14 -1.38 6.72 -2.00
N VAL B 15 -1.09 6.42 -3.28
CA VAL B 15 -1.33 5.09 -3.83
C VAL B 15 -0.27 4.13 -3.27
N LEU B 16 -0.73 2.93 -2.91
CA LEU B 16 0.10 1.88 -2.35
C LEU B 16 0.09 0.58 -3.14
N ASP B 17 1.19 -0.14 -3.04
CA ASP B 17 1.30 -1.47 -3.63
C ASP B 17 0.73 -2.51 -2.67
N ILE B 18 0.72 -3.76 -3.10
CA ILE B 18 0.17 -4.87 -2.34
C ILE B 18 0.86 -5.10 -0.98
N ASN B 19 2.15 -4.75 -0.86
CA ASN B 19 2.90 -4.81 0.39
C ASN B 19 2.61 -3.66 1.34
N GLY B 20 1.89 -2.64 0.88
CA GLY B 20 1.56 -1.41 1.62
C GLY B 20 2.50 -0.22 1.47
N ASN B 21 3.50 -0.32 0.59
CA ASN B 21 4.48 0.75 0.36
C ASN B 21 3.95 1.72 -0.66
N PRO B 22 4.47 2.96 -0.67
CA PRO B 22 4.05 3.89 -1.72
C PRO B 22 4.48 3.47 -3.14
N ILE B 23 3.64 3.75 -4.12
CA ILE B 23 4.03 3.68 -5.52
C ILE B 23 4.93 4.88 -5.80
N PHE B 24 6.15 4.56 -6.21
CA PHE B 24 7.15 5.55 -6.56
C PHE B 24 7.14 5.80 -8.05
N PRO B 25 7.08 7.09 -8.47
CA PRO B 25 7.12 7.36 -9.89
C PRO B 25 8.39 6.81 -10.48
N GLY B 26 8.32 6.19 -11.64
CA GLY B 26 9.49 5.57 -12.25
C GLY B 26 9.74 4.13 -11.86
N GLY B 27 9.20 3.74 -10.71
CA GLY B 27 9.35 2.37 -10.25
C GLY B 27 8.55 1.43 -11.10
N LYS B 28 9.02 0.17 -11.18
CA LYS B 28 8.39 -0.85 -11.99
C LYS B 28 7.34 -1.72 -11.26
N TYR B 29 6.11 -1.76 -11.79
CA TYR B 29 5.02 -2.47 -11.14
C TYR B 29 4.26 -3.32 -12.11
N TYR B 30 3.91 -4.53 -11.74
CA TYR B 30 2.83 -5.29 -12.42
C TYR B 30 1.48 -4.73 -11.99
N ILE B 31 0.51 -4.69 -12.90
CA ILE B 31 -0.88 -4.42 -12.59
C ILE B 31 -1.69 -5.73 -12.65
N LEU B 32 -2.16 -6.20 -11.49
CA LEU B 32 -2.85 -7.47 -11.37
C LEU B 32 -4.24 -7.27 -10.81
N PRO B 33 -5.15 -8.23 -11.01
CA PRO B 33 -6.44 -8.15 -10.36
C PRO B 33 -6.28 -8.23 -8.85
N ALA B 34 -7.05 -7.43 -8.12
CA ALA B 34 -7.03 -7.46 -6.65
C ALA B 34 -7.46 -8.84 -6.16
N ILE B 35 -8.53 -9.38 -6.76
CA ILE B 35 -9.03 -10.73 -6.47
C ILE B 35 -8.30 -11.77 -7.32
N ARG B 36 -7.60 -12.69 -6.66
CA ARG B 36 -6.91 -13.82 -7.31
C ARG B 36 -7.88 -14.85 -7.85
N GLY B 37 -7.39 -15.64 -8.83
CA GLY B 37 -8.16 -16.72 -9.43
C GLY B 37 -8.80 -16.26 -10.73
N PRO B 38 -10.12 -16.52 -10.91
CA PRO B 38 -10.83 -16.31 -12.20
C PRO B 38 -10.60 -15.00 -12.94
N PRO B 39 -10.33 -13.88 -12.21
CA PRO B 39 -10.12 -12.63 -12.95
C PRO B 39 -8.96 -12.61 -13.99
N GLY B 40 -7.99 -13.51 -13.83
CA GLY B 40 -6.96 -13.68 -14.80
C GLY B 40 -5.65 -13.16 -14.27
N GLY B 41 -4.81 -12.65 -15.17
CA GLY B 41 -3.43 -12.21 -14.84
C GLY B 41 -3.16 -10.74 -15.20
N GLY B 42 -1.91 -10.45 -15.48
CA GLY B 42 -1.46 -9.08 -15.68
C GLY B 42 -1.76 -8.54 -17.06
N VAL B 43 -1.21 -7.35 -17.33
CA VAL B 43 -1.43 -6.68 -18.60
C VAL B 43 -0.20 -6.81 -19.43
N ARG B 44 -0.41 -7.03 -20.72
CA ARG B 44 0.67 -7.21 -21.70
C ARG B 44 0.21 -6.61 -23.03
N LEU B 45 1.03 -6.79 -24.07
CA LEU B 45 0.77 -6.25 -25.38
C LEU B 45 0.38 -7.36 -26.34
N ASP B 46 -0.44 -7.02 -27.32
CA ASP B 46 -0.68 -7.87 -28.49
C ASP B 46 -1.23 -7.10 -29.71
N LYS B 47 -1.19 -7.76 -30.87
CA LYS B 47 -1.76 -7.25 -32.14
C LYS B 47 -3.23 -7.55 -32.22
N THR B 48 -4.03 -6.65 -32.74
CA THR B 48 -5.43 -6.90 -32.86
C THR B 48 -6.01 -6.10 -34.00
N GLY B 49 -7.13 -6.57 -34.56
CA GLY B 49 -7.85 -5.86 -35.60
C GLY B 49 -7.07 -5.38 -36.83
N ASP B 50 -6.27 -6.26 -37.44
CA ASP B 50 -5.48 -5.91 -38.69
C ASP B 50 -4.29 -4.95 -38.54
N SER B 51 -3.90 -4.75 -37.28
CA SER B 51 -2.72 -4.02 -36.91
C SER B 51 -1.59 -4.99 -37.04
N GLU B 52 -0.46 -4.47 -37.47
CA GLU B 52 0.71 -5.31 -37.69
C GLU B 52 1.72 -5.22 -36.55
N CYS B 53 1.47 -4.31 -35.61
CA CYS B 53 2.35 -4.09 -34.44
C CYS B 53 1.59 -4.36 -33.16
N PRO B 54 2.23 -5.07 -32.19
CA PRO B 54 1.58 -5.33 -30.90
C PRO B 54 1.52 -4.09 -30.00
N VAL B 55 0.50 -3.29 -30.24
CA VAL B 55 0.25 -2.05 -29.52
C VAL B 55 -1.08 -2.01 -28.77
N THR B 56 -1.78 -3.11 -28.63
CA THR B 56 -3.03 -3.15 -27.88
C THR B 56 -2.76 -3.72 -26.51
N VAL B 57 -3.25 -3.04 -25.47
CA VAL B 57 -3.11 -3.56 -24.12
C VAL B 57 -4.18 -4.62 -23.94
N LEU B 58 -3.71 -5.81 -23.59
CA LEU B 58 -4.52 -6.96 -23.21
C LEU B 58 -4.21 -7.41 -21.79
N GLN B 59 -5.28 -7.70 -21.04
CA GLN B 59 -5.17 -8.33 -19.74
C GLN B 59 -5.25 -9.83 -19.97
N ASP B 60 -4.29 -10.57 -19.44
CA ASP B 60 -4.25 -12.01 -19.69
C ASP B 60 -5.37 -12.82 -18.98
N TYR B 61 -5.76 -13.94 -19.60
CA TYR B 61 -6.79 -14.83 -19.07
C TYR B 61 -6.32 -15.59 -17.82
N LYS B 62 -5.03 -15.83 -17.68
CA LYS B 62 -4.47 -16.70 -16.63
C LYS B 62 -3.60 -15.98 -15.60
N GLU B 63 -4.02 -16.10 -14.34
CA GLU B 63 -3.28 -15.63 -13.15
C GLU B 63 -1.73 -15.84 -13.17
N VAL B 64 -1.27 -16.97 -13.70
CA VAL B 64 0.17 -17.26 -13.73
C VAL B 64 0.98 -16.22 -14.56
N ILE B 65 0.35 -15.60 -15.56
CA ILE B 65 1.01 -14.54 -16.35
C ILE B 65 0.86 -13.21 -15.61
N ASN B 66 1.95 -12.72 -15.01
CA ASN B 66 1.99 -11.38 -14.39
C ASN B 66 2.13 -10.23 -15.45
N GLY B 67 2.58 -10.57 -16.65
CA GLY B 67 2.63 -9.64 -17.73
C GLY B 67 3.83 -8.75 -17.71
N LEU B 68 3.69 -7.63 -18.42
CA LEU B 68 4.74 -6.62 -18.60
C LEU B 68 4.65 -5.52 -17.53
N PRO B 69 5.76 -5.20 -16.87
CA PRO B 69 5.71 -4.14 -15.86
C PRO B 69 5.52 -2.77 -16.47
N VAL B 70 4.84 -1.90 -15.71
CA VAL B 70 4.64 -0.52 -16.09
C VAL B 70 5.50 0.34 -15.18
N LYS B 71 5.64 1.60 -15.54
CA LYS B 71 6.03 2.63 -14.60
C LYS B 71 5.07 3.80 -14.75
N PHE B 72 4.82 4.48 -13.62
CA PHE B 72 3.93 5.60 -13.55
C PHE B 72 4.76 6.86 -13.47
N VAL B 73 4.51 7.80 -14.38
CA VAL B 73 5.22 9.06 -14.49
C VAL B 73 4.22 10.15 -14.19
N ILE B 74 4.66 11.28 -13.65
CA ILE B 74 3.80 12.44 -13.37
C ILE B 74 4.13 13.53 -14.34
N PRO B 75 3.14 14.04 -15.09
CA PRO B 75 3.44 15.20 -15.94
C PRO B 75 3.45 16.53 -15.21
N GLY B 76 2.69 16.70 -14.12
CA GLY B 76 2.64 17.97 -13.37
C GLY B 76 3.82 18.17 -12.42
N ILE B 77 3.62 18.91 -11.33
CA ILE B 77 4.61 18.97 -10.25
C ILE B 77 4.56 17.65 -9.51
N SER B 78 5.71 17.05 -9.24
CA SER B 78 5.77 15.81 -8.44
C SER B 78 6.14 16.07 -6.97
N PRO B 79 5.42 15.43 -6.04
CA PRO B 79 5.90 15.39 -4.66
C PRO B 79 6.84 14.20 -4.41
N GLY B 80 6.96 13.29 -5.37
CA GLY B 80 7.81 12.11 -5.24
C GLY B 80 7.05 10.84 -5.01
N ILE B 81 5.73 10.97 -4.97
CA ILE B 81 4.83 9.84 -4.74
C ILE B 81 3.53 10.04 -5.56
N ILE B 82 2.96 8.94 -6.05
CA ILE B 82 1.70 8.97 -6.82
C ILE B 82 0.53 9.07 -5.86
N PHE B 83 -0.32 10.05 -6.02
CA PHE B 83 -1.52 10.17 -5.22
C PHE B 83 -2.77 9.72 -6.00
N THR B 84 -3.87 9.47 -5.32
CA THR B 84 -5.11 9.11 -5.98
C THR B 84 -5.67 10.37 -6.56
N GLY B 85 -6.39 10.27 -7.65
CA GLY B 85 -6.93 11.41 -8.36
C GLY B 85 -5.89 12.32 -8.98
N THR B 86 -4.69 11.84 -9.29
CA THR B 86 -3.63 12.70 -9.81
C THR B 86 -3.42 12.32 -11.27
N PRO B 87 -3.39 13.33 -12.18
CA PRO B 87 -3.05 12.97 -13.55
C PRO B 87 -1.69 12.27 -13.58
N ILE B 88 -1.67 11.07 -14.15
CA ILE B 88 -0.45 10.34 -14.42
C ILE B 88 -0.39 9.76 -15.83
N GLU B 89 0.82 9.38 -16.20
CA GLU B 89 1.10 8.68 -17.43
C GLU B 89 1.56 7.28 -17.04
N ILE B 90 1.08 6.28 -17.77
CA ILE B 90 1.42 4.90 -17.53
C ILE B 90 2.22 4.49 -18.75
N GLU B 91 3.32 3.78 -18.53
CA GLU B 91 4.06 3.21 -19.65
C GLU B 91 4.68 1.84 -19.38
N PHE B 92 4.58 0.93 -20.34
CA PHE B 92 5.30 -0.33 -20.26
C PHE B 92 6.84 -0.11 -20.28
N THR B 93 7.58 -0.95 -19.57
CA THR B 93 9.05 -0.80 -19.43
C THR B 93 9.74 -1.37 -20.64
N LYS B 94 9.32 -2.56 -21.05
CA LYS B 94 9.73 -3.14 -22.33
C LYS B 94 8.71 -2.72 -23.38
N LYS B 95 9.10 -2.69 -24.65
CA LYS B 95 8.15 -2.40 -25.75
C LYS B 95 8.72 -2.88 -27.05
N PRO B 96 7.87 -3.20 -28.03
CA PRO B 96 8.34 -3.64 -29.36
C PRO B 96 8.86 -2.50 -30.26
N ASN B 97 9.73 -2.87 -31.19
CA ASN B 97 10.38 -1.93 -32.10
C ASN B 97 9.40 -1.11 -32.94
N CYS B 98 8.41 -1.77 -33.50
CA CYS B 98 7.40 -1.08 -34.34
C CYS B 98 6.53 -0.03 -33.60
N ALA B 99 6.57 -0.04 -32.26
CA ALA B 99 5.95 1.03 -31.47
C ALA B 99 6.92 2.15 -31.15
N GLU B 100 6.52 3.35 -31.53
CA GLU B 100 7.35 4.56 -31.33
C GLU B 100 7.56 4.77 -29.85
N SER B 101 6.46 4.67 -29.09
CA SER B 101 6.40 4.94 -27.65
C SER B 101 5.73 3.80 -26.91
N SER B 102 6.25 3.44 -25.72
CA SER B 102 5.57 2.48 -24.83
C SER B 102 4.49 3.12 -23.91
N LYS B 103 4.12 4.36 -24.18
CA LYS B 103 3.28 5.12 -23.26
C LYS B 103 1.84 4.81 -23.59
N TRP B 104 1.09 4.41 -22.55
CA TRP B 104 -0.35 4.15 -22.70
C TRP B 104 -1.13 5.38 -23.21
N LEU B 105 -2.03 5.14 -24.14
CA LEU B 105 -2.95 6.14 -24.68
C LEU B 105 -4.31 5.42 -24.85
N ILE B 106 -5.31 6.20 -25.22
CA ILE B 106 -6.62 5.69 -25.59
C ILE B 106 -6.84 5.82 -27.11
N PHE B 107 -7.31 4.72 -27.73
CA PHE B 107 -7.73 4.68 -29.12
C PHE B 107 -9.13 4.14 -29.23
N VAL B 108 -9.84 4.59 -30.26
CA VAL B 108 -11.19 4.14 -30.53
C VAL B 108 -11.13 2.93 -31.46
N ASP B 109 -11.65 1.81 -30.99
CA ASP B 109 -11.95 0.65 -31.84
C ASP B 109 -13.36 0.77 -32.42
N ASP B 110 -13.44 0.97 -33.74
CA ASP B 110 -14.71 1.05 -34.46
C ASP B 110 -15.44 -0.29 -34.55
N THR B 111 -14.70 -1.38 -34.54
CA THR B 111 -15.32 -2.67 -34.72
C THR B 111 -16.18 -2.99 -33.52
N ILE B 112 -15.65 -2.79 -32.31
CA ILE B 112 -16.36 -3.11 -31.08
C ILE B 112 -16.98 -1.93 -30.39
N ASP B 113 -16.70 -0.71 -30.89
CA ASP B 113 -17.27 0.58 -30.39
C ASP B 113 -16.89 0.86 -28.91
N LYS B 114 -15.58 0.76 -28.66
CA LYS B 114 -14.99 0.97 -27.34
C LYS B 114 -13.72 1.78 -27.50
N ALA B 115 -13.50 2.64 -26.50
CA ALA B 115 -12.24 3.37 -26.32
C ALA B 115 -11.34 2.51 -25.46
N CYS B 116 -10.29 1.96 -26.04
CA CYS B 116 -9.44 0.96 -25.42
C CYS B 116 -8.04 1.51 -25.22
N ILE B 117 -7.29 0.94 -24.28
CA ILE B 117 -5.91 1.32 -24.01
C ILE B 117 -4.91 0.62 -24.95
N GLY B 118 -4.07 1.43 -25.60
CA GLY B 118 -3.01 0.92 -26.45
C GLY B 118 -1.82 1.81 -26.29
N ILE B 119 -0.71 1.44 -26.95
CA ILE B 119 0.59 2.21 -26.91
C ILE B 119 0.89 2.72 -28.31
N GLY B 120 2.07 3.26 -28.52
CA GLY B 120 2.50 3.68 -29.85
C GLY B 120 2.16 5.13 -30.15
N GLY B 121 2.06 5.43 -31.44
CA GLY B 121 1.84 6.80 -31.89
C GLY B 121 0.92 6.87 -33.08
N PRO B 122 0.74 8.10 -33.64
CA PRO B 122 -0.18 8.28 -34.78
C PRO B 122 0.01 7.24 -35.89
N GLU B 123 1.24 6.88 -36.21
CA GLU B 123 1.43 5.97 -37.34
C GLU B 123 0.95 4.53 -37.06
N ASN B 124 0.96 4.11 -35.81
CA ASN B 124 0.36 2.80 -35.43
C ASN B 124 -1.18 2.79 -35.50
N TYR B 125 -1.83 3.94 -35.69
CA TYR B 125 -3.31 4.03 -35.79
C TYR B 125 -3.75 4.87 -37.00
N SER B 126 -3.64 4.27 -38.19
CA SER B 126 -3.72 4.98 -39.46
C SER B 126 -5.05 5.74 -39.65
N GLY B 127 -6.17 5.03 -39.69
CA GLY B 127 -7.47 5.67 -39.94
C GLY B 127 -8.35 5.86 -38.72
N LYS B 128 -7.74 5.93 -37.55
CA LYS B 128 -8.46 5.74 -36.28
C LYS B 128 -8.35 7.00 -35.33
N GLN B 129 -9.38 7.23 -34.51
CA GLN B 129 -9.32 8.30 -33.53
C GLN B 129 -8.55 7.86 -32.28
N THR B 130 -7.72 8.72 -31.75
CA THR B 130 -7.13 8.54 -30.42
C THR B 130 -7.49 9.76 -29.58
N LEU B 131 -7.69 9.58 -28.28
CA LEU B 131 -8.21 10.66 -27.42
C LEU B 131 -7.16 11.14 -26.44
N SER B 132 -6.76 12.39 -26.57
CA SER B 132 -5.84 13.01 -25.64
C SER B 132 -6.44 13.05 -24.22
N GLY B 133 -5.57 12.83 -23.23
CA GLY B 133 -5.96 12.95 -21.82
C GLY B 133 -4.97 12.34 -20.88
N THR B 134 -5.36 12.18 -19.63
CA THR B 134 -4.46 11.65 -18.61
C THR B 134 -5.16 10.51 -17.94
N PHE B 135 -4.36 9.54 -17.47
CA PHE B 135 -4.85 8.52 -16.57
C PHE B 135 -4.80 9.00 -15.11
N ASN B 136 -5.42 8.22 -14.25
CA ASN B 136 -5.42 8.44 -12.81
C ASN B 136 -5.70 7.12 -12.08
N ILE B 137 -5.49 7.11 -10.78
CA ILE B 137 -5.70 5.95 -9.96
C ILE B 137 -6.60 6.39 -8.83
N GLN B 138 -7.57 5.55 -8.46
CA GLN B 138 -8.49 5.85 -7.36
C GLN B 138 -8.74 4.59 -6.52
N LYS B 139 -9.07 4.77 -5.23
CA LYS B 139 -9.56 3.68 -4.41
C LYS B 139 -10.75 3.09 -5.12
N TYR B 140 -10.84 1.76 -5.18
CA TYR B 140 -12.00 1.11 -5.83
C TYR B 140 -13.38 1.51 -5.24
N GLY B 141 -13.44 1.66 -3.90
CA GLY B 141 -14.65 2.06 -3.18
C GLY B 141 -14.81 1.16 -1.96
N SER B 142 -15.30 -0.05 -2.20
CA SER B 142 -15.32 -1.11 -1.17
C SER B 142 -14.01 -1.85 -1.30
N GLY B 143 -13.53 -2.38 -0.17
CA GLY B 143 -12.47 -3.41 -0.12
C GLY B 143 -11.09 -3.04 -0.64
N PHE B 144 -10.29 -4.08 -0.89
CA PHE B 144 -8.88 -3.88 -1.25
C PHE B 144 -8.77 -3.30 -2.67
N GLY B 145 -7.74 -2.50 -2.87
CA GLY B 145 -7.31 -2.14 -4.20
C GLY B 145 -8.01 -0.97 -4.85
N TYR B 146 -7.83 -0.89 -6.17
CA TYR B 146 -7.88 0.36 -6.90
C TYR B 146 -8.57 0.22 -8.26
N LYS B 147 -8.79 1.36 -8.90
CA LYS B 147 -9.24 1.38 -10.26
C LYS B 147 -8.48 2.47 -10.99
N LEU B 148 -8.15 2.17 -12.25
CA LEU B 148 -7.60 3.12 -13.17
C LEU B 148 -8.74 3.96 -13.79
N GLY B 149 -8.40 5.20 -14.17
CA GLY B 149 -9.36 6.11 -14.74
C GLY B 149 -8.72 6.91 -15.81
N PHE B 150 -9.50 7.42 -16.74
CA PHE B 150 -8.98 8.28 -17.81
C PHE B 150 -9.85 9.54 -17.90
N CYS B 151 -9.22 10.71 -17.83
CA CYS B 151 -9.88 11.98 -18.04
C CYS B 151 -9.48 12.61 -19.41
N VAL B 152 -10.52 13.01 -20.16
CA VAL B 152 -10.38 13.55 -21.50
C VAL B 152 -9.76 14.91 -21.36
N LYS B 153 -8.72 15.17 -22.16
CA LYS B 153 -7.82 16.31 -21.98
C LYS B 153 -8.50 17.55 -21.48
N GLY B 154 -7.99 18.08 -20.38
CA GLY B 154 -8.45 19.34 -19.79
C GLY B 154 -9.91 19.43 -19.40
N SER B 155 -10.54 18.28 -19.11
CA SER B 155 -11.98 18.19 -18.87
C SER B 155 -12.26 17.30 -17.66
N PRO B 156 -13.36 17.57 -16.93
CA PRO B 156 -13.82 16.65 -15.90
C PRO B 156 -14.51 15.38 -16.45
N ILE B 157 -14.55 15.16 -17.77
CA ILE B 157 -15.06 13.92 -18.34
C ILE B 157 -14.05 12.82 -18.06
N CYS B 158 -14.32 12.08 -17.00
CA CYS B 158 -13.46 11.04 -16.51
C CYS B 158 -14.19 9.71 -16.39
N LEU B 159 -13.68 8.66 -17.01
CA LEU B 159 -14.30 7.36 -16.92
C LEU B 159 -13.35 6.34 -16.32
N ASP B 160 -13.93 5.40 -15.60
CA ASP B 160 -13.20 4.30 -15.07
C ASP B 160 -12.75 3.41 -16.26
N ILE B 161 -11.65 2.68 -16.02
CA ILE B 161 -11.19 1.65 -16.91
C ILE B 161 -11.80 0.36 -16.44
N GLY B 162 -12.55 -0.26 -17.35
CA GLY B 162 -13.03 -1.63 -17.22
C GLY B 162 -12.38 -2.57 -18.23
N ARG B 163 -12.98 -3.75 -18.40
CA ARG B 163 -12.46 -4.80 -19.29
C ARG B 163 -13.48 -5.31 -20.30
N TYR B 164 -13.07 -5.58 -21.53
CA TYR B 164 -14.00 -6.07 -22.56
C TYR B 164 -13.37 -7.23 -23.32
N ASP B 165 -13.99 -8.40 -23.24
CA ASP B 165 -13.39 -9.61 -23.73
C ASP B 165 -13.78 -9.73 -25.19
N ASN B 166 -12.85 -9.45 -26.10
CA ASN B 166 -13.11 -9.63 -27.54
C ASN B 166 -12.44 -10.89 -28.10
N ASP B 167 -12.19 -11.88 -27.23
CA ASP B 167 -11.68 -13.21 -27.58
C ASP B 167 -10.40 -13.13 -28.34
N GLU B 168 -9.39 -12.54 -27.72
CA GLU B 168 -8.05 -12.32 -28.33
C GLU B 168 -6.90 -12.91 -27.47
N GLY B 169 -7.16 -13.96 -26.72
CA GLY B 169 -6.20 -14.48 -25.73
C GLY B 169 -6.04 -13.62 -24.49
N GLY B 170 -6.92 -12.63 -24.38
CA GLY B 170 -6.87 -11.64 -23.34
C GLY B 170 -8.03 -10.69 -23.48
N ARG B 171 -8.26 -9.92 -22.41
CA ARG B 171 -9.32 -8.89 -22.33
C ARG B 171 -8.73 -7.53 -22.59
N ARG B 172 -9.54 -6.67 -23.20
CA ARG B 172 -9.16 -5.29 -23.41
C ARG B 172 -9.41 -4.51 -22.16
N LEU B 173 -8.71 -3.39 -22.08
CA LEU B 173 -8.95 -2.42 -21.06
C LEU B 173 -9.64 -1.28 -21.78
N ASN B 174 -10.81 -0.86 -21.30
CA ASN B 174 -11.59 0.19 -21.96
C ASN B 174 -12.23 1.18 -21.02
N LEU B 175 -12.52 2.38 -21.54
CA LEU B 175 -13.31 3.32 -20.80
C LEU B 175 -14.73 2.76 -20.63
N THR B 176 -15.29 2.91 -19.43
CA THR B 176 -16.63 2.40 -19.12
C THR B 176 -17.39 3.34 -18.18
N GLU B 177 -18.71 3.31 -18.31
CA GLU B 177 -19.61 3.90 -17.31
C GLU B 177 -20.09 2.88 -16.27
N HIS B 178 -19.84 1.60 -16.50
CA HIS B 178 -20.27 0.52 -15.64
C HIS B 178 -19.11 -0.08 -14.77
N GLU B 179 -19.01 -1.40 -14.65
CA GLU B 179 -18.10 -2.00 -13.68
C GLU B 179 -16.63 -1.78 -14.05
N ALA B 180 -15.88 -1.20 -13.11
CA ALA B 180 -14.45 -0.93 -13.26
C ALA B 180 -13.58 -2.15 -12.86
N PHE B 181 -12.39 -2.23 -13.43
CA PHE B 181 -11.50 -3.32 -13.18
C PHE B 181 -10.76 -3.03 -11.84
N ARG B 182 -10.87 -3.98 -10.91
CA ARG B 182 -10.34 -3.87 -9.58
C ARG B 182 -8.91 -4.41 -9.51
N VAL B 183 -7.95 -3.51 -9.33
CA VAL B 183 -6.56 -3.82 -9.50
C VAL B 183 -5.74 -3.57 -8.26
N VAL B 184 -4.56 -4.19 -8.26
CA VAL B 184 -3.49 -3.89 -7.32
C VAL B 184 -2.20 -3.76 -8.11
N PHE B 185 -1.19 -3.26 -7.39
CA PHE B 185 0.09 -2.94 -7.95
C PHE B 185 1.16 -3.72 -7.19
N VAL B 186 2.02 -4.41 -7.95
CA VAL B 186 3.00 -5.33 -7.39
C VAL B 186 4.36 -4.93 -7.86
N ASP B 187 5.27 -4.69 -6.91
CA ASP B 187 6.69 -4.35 -7.20
C ASP B 187 7.21 -5.39 -8.13
N ALA B 188 7.65 -4.97 -9.28
CA ALA B 188 8.16 -5.86 -10.30
C ALA B 188 9.59 -5.46 -10.63
N SER B 189 10.48 -5.31 -9.65
CA SER B 189 11.88 -4.92 -9.96
C SER B 189 12.77 -6.16 -10.41
N SER B 190 12.38 -6.82 -11.50
CA SER B 190 13.05 -8.03 -12.03
C SER B 190 12.81 -8.25 -13.53
#